data_5VD5
#
_entry.id   5VD5
#
_cell.length_a   50.240
_cell.length_b   44.580
_cell.length_c   64.650
_cell.angle_alpha   90.000
_cell.angle_beta   102.170
_cell.angle_gamma   90.000
#
_symmetry.space_group_name_H-M   'P 1 21 1'
#
loop_
_entity.id
_entity.type
_entity.pdbx_description
1 polymer 'Wee1-like protein kinase'
2 non-polymer '1-[6-(2-hydroxypropan-2-yl)pyridin-2-yl]-6-{[4-(morpholin-4-yl)phenyl]amino}-2-(prop-2-en-1-yl)-1,2-dihydro-3H-pyrazolo [3,4-d]pyrimidin-3-one'
3 non-polymer 'CHLORIDE ION'
4 water water
#
_entity_poly.entity_id   1
_entity_poly.type   'polypeptide(L)'
_entity_poly.pdbx_seq_one_letter_code
;GAGSMKSRYTTEFHELEKIGSGEFGSVFKCVKRLDGCIYAIKRSKKPLAGSVDEQNALREVYAHAVLGQHSHVVRYFSAW
AEDDHMLIQNEYCNGGSLADAISENYRIMSYFKEAELKDLLLQVGRGLRYIHSMSLVHMDIKPSNIFISRTSIPNAASEE
GDEDDWASNKVMFKIGDLGHVTRISSPQVEEGDSRFLANEVLQENYTHLPKADIFALALTVVCAAGAEPLPRNGDQWHEI
RQGRLPRIPQVLSQEFTELLKVMIHPDPERRPSAMALVKHSVLLSASRK
;
_entity_poly.pdbx_strand_id   A
#
loop_
_chem_comp.id
_chem_comp.type
_chem_comp.name
_chem_comp.formula
99M non-polymer '1-[6-(2-hydroxypropan-2-yl)pyridin-2-yl]-6-{[4-(morpholin-4-yl)phenyl]amino}-2-(prop-2-en-1-yl)-1,2-dihydro-3H-pyrazolo [3,4-d]pyrimidin-3-one' 'C26 H29 N7 O3'
CL non-polymer 'CHLORIDE ION' 'Cl -1'
#
# COMPACT_ATOMS: atom_id res chain seq x y z
N SER A 7 -3.13 -16.20 -27.85
CA SER A 7 -2.78 -15.36 -26.72
C SER A 7 -3.71 -15.64 -25.52
N ARG A 8 -3.11 -16.00 -24.39
CA ARG A 8 -3.87 -16.33 -23.19
C ARG A 8 -4.70 -15.15 -22.70
N TYR A 9 -4.11 -13.97 -22.73
CA TYR A 9 -4.80 -12.75 -22.31
C TYR A 9 -6.09 -12.54 -23.09
N THR A 10 -5.97 -12.46 -24.42
CA THR A 10 -7.13 -12.30 -25.29
C THR A 10 -8.10 -13.47 -25.16
N THR A 11 -7.56 -14.68 -25.08
CA THR A 11 -8.38 -15.88 -25.04
C THR A 11 -9.18 -16.00 -23.75
N GLU A 12 -8.55 -15.70 -22.62
CA GLU A 12 -9.18 -15.94 -21.33
C GLU A 12 -9.98 -14.74 -20.81
N PHE A 13 -9.64 -13.55 -21.30
CA PHE A 13 -10.22 -12.31 -20.79
C PHE A 13 -10.69 -11.38 -21.89
N HIS A 14 -11.70 -10.58 -21.57
CA HIS A 14 -12.12 -9.48 -22.41
C HIS A 14 -11.81 -8.16 -21.72
N GLU A 15 -11.12 -7.28 -22.43
CA GLU A 15 -10.71 -5.99 -21.92
C GLU A 15 -11.89 -5.01 -21.87
N LEU A 16 -12.10 -4.40 -20.71
CA LEU A 16 -13.24 -3.50 -20.51
C LEU A 16 -12.85 -2.03 -20.46
N GLU A 17 -11.74 -1.74 -19.77
CA GLU A 17 -11.39 -0.37 -19.43
C GLU A 17 -9.97 -0.31 -18.89
N LYS A 18 -9.19 0.66 -19.36
CA LYS A 18 -7.87 0.90 -18.80
C LYS A 18 -8.05 1.69 -17.50
N ILE A 19 -7.48 1.17 -16.41
CA ILE A 19 -7.65 1.80 -15.10
C ILE A 19 -6.31 2.28 -14.53
N GLY A 20 -5.22 1.97 -15.21
CA GLY A 20 -3.90 2.44 -14.81
C GLY A 20 -2.90 2.46 -15.94
N SER A 21 -1.93 3.36 -15.85
CA SER A 21 -0.85 3.43 -16.83
C SER A 21 0.38 4.11 -16.21
N GLY A 22 1.56 3.83 -16.75
CA GLY A 22 2.79 4.42 -16.26
C GLY A 22 4.01 3.74 -16.84
N GLU A 23 5.15 3.90 -16.17
CA GLU A 23 6.38 3.24 -16.59
C GLU A 23 6.30 1.73 -16.36
N PHE A 24 5.29 1.31 -15.59
CA PHE A 24 5.04 -0.11 -15.32
C PHE A 24 4.26 -0.79 -16.45
N GLY A 25 3.81 -0.01 -17.43
CA GLY A 25 2.91 -0.50 -18.45
C GLY A 25 1.50 -0.02 -18.18
N SER A 26 0.52 -0.92 -18.27
CA SER A 26 -0.87 -0.57 -18.05
C SER A 26 -1.61 -1.61 -17.21
N VAL A 27 -2.69 -1.18 -16.56
CA VAL A 27 -3.59 -2.07 -15.84
C VAL A 27 -4.98 -1.96 -16.45
N PHE A 28 -5.63 -3.11 -16.64
CA PHE A 28 -6.94 -3.15 -17.26
C PHE A 28 -7.96 -3.83 -16.37
N LYS A 29 -9.16 -3.25 -16.34
CA LYS A 29 -10.33 -3.93 -15.85
C LYS A 29 -10.75 -4.93 -16.93
N CYS A 30 -10.86 -6.20 -16.55
CA CYS A 30 -11.15 -7.27 -17.49
C CYS A 30 -12.18 -8.21 -16.91
N VAL A 31 -13.01 -8.79 -17.77
CA VAL A 31 -13.90 -9.85 -17.35
C VAL A 31 -13.28 -11.16 -17.86
N LYS A 32 -13.23 -12.15 -16.98
CA LYS A 32 -12.77 -13.47 -17.36
C LYS A 32 -13.93 -14.25 -17.97
N ARG A 33 -13.75 -14.75 -19.19
CA ARG A 33 -14.84 -15.35 -19.95
C ARG A 33 -15.44 -16.55 -19.24
N LEU A 34 -14.60 -17.36 -18.61
CA LEU A 34 -15.07 -18.61 -18.01
C LEU A 34 -15.97 -18.40 -16.81
N ASP A 35 -15.66 -17.43 -15.96
CA ASP A 35 -16.39 -17.29 -14.70
C ASP A 35 -17.21 -16.00 -14.61
N GLY A 36 -16.98 -15.08 -15.55
CA GLY A 36 -17.75 -13.85 -15.60
C GLY A 36 -17.41 -12.84 -14.51
N CYS A 37 -16.26 -13.04 -13.86
CA CYS A 37 -15.83 -12.14 -12.79
C CYS A 37 -14.88 -11.06 -13.31
N ILE A 38 -14.84 -9.94 -12.58
CA ILE A 38 -13.98 -8.83 -12.94
C ILE A 38 -12.62 -8.96 -12.25
N TYR A 39 -11.56 -8.75 -13.00
CA TYR A 39 -10.20 -8.76 -12.47
C TYR A 39 -9.44 -7.52 -12.92
N ALA A 40 -8.45 -7.12 -12.13
CA ALA A 40 -7.50 -6.09 -12.53
C ALA A 40 -6.26 -6.81 -13.03
N ILE A 41 -5.93 -6.58 -14.30
CA ILE A 41 -4.82 -7.25 -14.94
C ILE A 41 -3.76 -6.24 -15.36
N LYS A 42 -2.57 -6.37 -14.80
CA LYS A 42 -1.45 -5.52 -15.16
C LYS A 42 -0.67 -6.16 -16.30
N ARG A 43 -0.37 -5.36 -17.32
CA ARG A 43 0.37 -5.83 -18.48
C ARG A 43 1.58 -4.94 -18.69
N SER A 44 2.78 -5.54 -18.61
CA SER A 44 4.02 -4.78 -18.65
C SER A 44 5.00 -5.36 -19.64
N LYS A 45 5.87 -4.52 -20.19
CA LYS A 45 6.97 -5.04 -21.00
C LYS A 45 7.83 -5.89 -20.08
N LYS A 46 8.22 -7.07 -20.54
CA LYS A 46 9.07 -7.93 -19.72
C LYS A 46 10.36 -7.18 -19.46
N PRO A 47 10.71 -7.00 -18.17
CA PRO A 47 11.87 -6.16 -17.89
C PRO A 47 13.17 -6.82 -18.31
N LEU A 48 14.17 -6.01 -18.59
CA LEU A 48 15.50 -6.51 -18.90
C LEU A 48 15.96 -7.44 -17.79
N ALA A 49 16.40 -8.64 -18.15
CA ALA A 49 16.89 -9.61 -17.18
C ALA A 49 18.03 -9.01 -16.37
N GLY A 50 17.95 -9.14 -15.05
CA GLY A 50 18.90 -8.51 -14.17
C GLY A 50 18.80 -6.99 -14.18
N SER A 51 17.66 -6.50 -13.70
CA SER A 51 17.39 -5.07 -13.66
C SER A 51 16.46 -4.77 -12.48
N VAL A 52 16.26 -3.49 -12.17
CA VAL A 52 15.41 -3.11 -11.05
C VAL A 52 14.00 -3.65 -11.25
N ASP A 53 13.47 -3.49 -12.46
CA ASP A 53 12.09 -3.87 -12.73
C ASP A 53 11.89 -5.38 -12.65
N GLU A 54 12.91 -6.17 -12.99
CA GLU A 54 12.80 -7.62 -12.86
C GLU A 54 12.77 -8.01 -11.39
N GLN A 55 13.62 -7.39 -10.62
CA GLN A 55 13.71 -7.68 -9.20
C GLN A 55 12.39 -7.31 -8.56
N ASN A 56 11.87 -6.13 -8.86
CA ASN A 56 10.58 -5.71 -8.37
C ASN A 56 9.53 -6.72 -8.76
N ALA A 57 9.56 -7.15 -10.02
CA ALA A 57 8.63 -8.13 -10.53
C ALA A 57 8.73 -9.47 -9.83
N LEU A 58 9.93 -9.90 -9.52
CA LEU A 58 10.15 -11.15 -8.83
C LEU A 58 9.68 -11.10 -7.37
N ARG A 59 9.83 -9.94 -6.74
CA ARG A 59 9.36 -9.80 -5.37
C ARG A 59 7.85 -10.03 -5.29
N GLU A 60 7.11 -9.58 -6.30
CA GLU A 60 5.65 -9.71 -6.28
C GLU A 60 5.17 -11.17 -6.42
N VAL A 61 5.66 -11.90 -7.42
CA VAL A 61 5.26 -13.30 -7.59
C VAL A 61 5.64 -14.09 -6.35
N TYR A 62 6.86 -13.93 -5.89
CA TYR A 62 7.33 -14.72 -4.77
C TYR A 62 6.67 -14.25 -3.46
N ALA A 63 6.09 -13.05 -3.46
CA ALA A 63 5.32 -12.60 -2.31
C ALA A 63 4.01 -13.39 -2.19
N HIS A 64 3.36 -13.67 -3.32
CA HIS A 64 2.15 -14.47 -3.26
C HIS A 64 2.46 -15.92 -2.93
N ALA A 65 3.58 -16.42 -3.47
CA ALA A 65 4.04 -17.78 -3.16
C ALA A 65 3.97 -18.04 -1.66
N VAL A 66 4.21 -17.00 -0.88
CA VAL A 66 4.18 -17.06 0.57
C VAL A 66 2.80 -16.72 1.15
N LEU A 67 2.17 -15.67 0.61
CA LEU A 67 1.03 -15.06 1.30
C LEU A 67 -0.29 -15.80 1.13
N GLY A 68 -0.69 -16.11 -0.10
CA GLY A 68 -1.97 -16.74 -0.32
C GLY A 68 -3.13 -15.74 -0.35
N GLN A 69 -3.89 -15.66 0.75
CA GLN A 69 -5.17 -14.95 0.72
C GLN A 69 -5.55 -14.29 2.05
N HIS A 70 -5.95 -13.02 1.99
CA HIS A 70 -6.38 -12.28 3.17
C HIS A 70 -7.34 -11.16 2.76
N SER A 71 -8.28 -10.84 3.64
CA SER A 71 -9.37 -9.94 3.27
C SER A 71 -8.92 -8.49 3.16
N HIS A 72 -7.72 -8.17 3.66
CA HIS A 72 -7.20 -6.81 3.56
C HIS A 72 -5.91 -6.76 2.74
N VAL A 73 -5.72 -7.78 1.90
CA VAL A 73 -4.69 -7.78 0.88
C VAL A 73 -5.34 -8.11 -0.45
N VAL A 74 -5.02 -7.34 -1.48
CA VAL A 74 -5.58 -7.57 -2.81
C VAL A 74 -5.20 -8.97 -3.25
N ARG A 75 -6.19 -9.77 -3.58
CA ARG A 75 -5.96 -11.16 -3.90
C ARG A 75 -5.26 -11.31 -5.24
N TYR A 76 -4.28 -12.21 -5.28
CA TYR A 76 -3.55 -12.57 -6.48
C TYR A 76 -4.11 -13.90 -6.98
N PHE A 77 -4.34 -13.99 -8.29
CA PHE A 77 -4.89 -15.21 -8.88
C PHE A 77 -3.89 -15.90 -9.80
N SER A 78 -3.29 -15.15 -10.71
CA SER A 78 -2.34 -15.74 -11.65
C SER A 78 -1.35 -14.73 -12.19
N ALA A 79 -0.25 -15.25 -12.73
CA ALA A 79 0.74 -14.43 -13.41
C ALA A 79 1.37 -15.27 -14.52
N TRP A 80 1.58 -14.66 -15.67
CA TRP A 80 2.25 -15.35 -16.77
C TRP A 80 2.95 -14.34 -17.67
N ALA A 81 3.70 -14.86 -18.64
CA ALA A 81 4.42 -14.02 -19.58
C ALA A 81 4.19 -14.51 -21.00
N GLU A 82 4.06 -13.57 -21.93
CA GLU A 82 3.87 -13.89 -23.33
C GLU A 82 4.11 -12.65 -24.18
N ASP A 83 4.55 -12.83 -25.42
CA ASP A 83 4.85 -11.73 -26.33
C ASP A 83 5.86 -10.77 -25.70
N ASP A 84 6.78 -11.33 -24.93
CA ASP A 84 7.75 -10.56 -24.14
C ASP A 84 7.04 -9.50 -23.31
N HIS A 85 5.83 -9.82 -22.85
CA HIS A 85 5.14 -9.03 -21.84
C HIS A 85 4.89 -9.92 -20.63
N MET A 86 4.71 -9.29 -19.47
CA MET A 86 4.30 -10.01 -18.27
C MET A 86 2.94 -9.55 -17.84
N LEU A 87 2.14 -10.49 -17.35
CA LEU A 87 0.78 -10.21 -16.94
C LEU A 87 0.50 -10.76 -15.55
N ILE A 88 -0.14 -9.95 -14.72
CA ILE A 88 -0.58 -10.41 -13.40
C ILE A 88 -2.05 -10.10 -13.20
N GLN A 89 -2.79 -11.12 -12.78
CA GLN A 89 -4.23 -11.06 -12.62
C GLN A 89 -4.59 -10.96 -11.15
N ASN A 90 -5.08 -9.79 -10.76
CA ASN A 90 -5.46 -9.51 -9.38
C ASN A 90 -6.95 -9.28 -9.23
N GLU A 91 -7.41 -9.40 -7.99
CA GLU A 91 -8.74 -8.97 -7.60
C GLU A 91 -9.00 -7.55 -8.10
N TYR A 92 -10.21 -7.30 -8.57
CA TYR A 92 -10.62 -5.94 -8.93
C TYR A 92 -11.41 -5.27 -7.81
N CYS A 93 -10.83 -4.21 -7.28
CA CYS A 93 -11.46 -3.39 -6.24
C CYS A 93 -12.16 -2.22 -6.91
N ASN A 94 -13.48 -2.19 -6.81
CA ASN A 94 -14.30 -1.28 -7.61
C ASN A 94 -14.26 0.17 -7.16
N GLY A 95 -13.66 0.42 -6.00
CA GLY A 95 -13.58 1.76 -5.45
C GLY A 95 -12.26 2.46 -5.77
N GLY A 96 -11.44 1.84 -6.61
CA GLY A 96 -10.16 2.43 -6.96
C GLY A 96 -9.22 2.42 -5.79
N SER A 97 -8.23 3.30 -5.81
CA SER A 97 -7.24 3.37 -4.74
C SER A 97 -7.58 4.49 -3.78
N LEU A 98 -6.98 4.46 -2.59
CA LEU A 98 -7.22 5.50 -1.61
C LEU A 98 -6.79 6.84 -2.19
N ALA A 99 -5.82 6.82 -3.10
CA ALA A 99 -5.32 8.03 -3.73
C ALA A 99 -6.39 8.67 -4.60
N ASP A 100 -7.09 7.84 -5.37
CA ASP A 100 -8.20 8.30 -6.22
C ASP A 100 -9.30 8.88 -5.36
N ALA A 101 -9.58 8.22 -4.24
CA ALA A 101 -10.63 8.67 -3.33
C ALA A 101 -10.26 10.01 -2.69
N ILE A 102 -8.99 10.17 -2.32
CA ILE A 102 -8.53 11.42 -1.72
C ILE A 102 -8.66 12.55 -2.73
N SER A 103 -8.26 12.29 -3.97
CA SER A 103 -8.38 13.29 -5.04
C SER A 103 -9.83 13.70 -5.24
N GLU A 104 -10.72 12.71 -5.29
CA GLU A 104 -12.13 12.96 -5.53
C GLU A 104 -12.75 13.74 -4.36
N ASN A 105 -12.29 13.44 -3.15
CA ASN A 105 -12.72 14.20 -1.98
C ASN A 105 -12.45 15.69 -2.14
N TYR A 106 -11.24 16.02 -2.58
CA TYR A 106 -10.87 17.41 -2.82
C TYR A 106 -11.69 18.04 -3.94
N ARG A 107 -11.94 17.29 -5.01
CA ARG A 107 -12.66 17.82 -6.17
C ARG A 107 -14.07 18.28 -5.80
N ILE A 108 -14.84 17.41 -5.15
CA ILE A 108 -16.22 17.72 -4.76
C ILE A 108 -16.27 18.27 -3.33
N MET A 109 -15.11 18.52 -2.76
CA MET A 109 -15.00 19.02 -1.38
C MET A 109 -15.79 18.16 -0.40
N SER A 110 -15.41 16.90 -0.31
CA SER A 110 -15.91 16.00 0.73
C SER A 110 -14.75 15.66 1.66
N TYR A 111 -14.93 14.67 2.52
CA TYR A 111 -13.85 14.26 3.41
C TYR A 111 -14.16 12.94 4.11
N PHE A 112 -13.11 12.32 4.65
CA PHE A 112 -13.24 11.14 5.48
C PHE A 112 -13.45 11.55 6.93
N LYS A 113 -14.56 11.12 7.53
CA LYS A 113 -14.82 11.38 8.93
C LYS A 113 -13.67 10.81 9.77
N GLU A 114 -13.47 11.34 10.97
CA GLU A 114 -12.45 10.79 11.86
C GLU A 114 -12.75 9.32 12.10
N ALA A 115 -14.04 9.00 12.23
CA ALA A 115 -14.48 7.62 12.36
C ALA A 115 -13.98 6.79 11.19
N GLU A 116 -13.96 7.38 10.01
CA GLU A 116 -13.56 6.67 8.80
C GLU A 116 -12.04 6.61 8.68
N LEU A 117 -11.34 7.54 9.29
CA LEU A 117 -9.87 7.49 9.34
C LEU A 117 -9.43 6.33 10.23
N LYS A 118 -10.12 6.16 11.34
CA LYS A 118 -9.80 5.07 12.26
C LYS A 118 -10.09 3.71 11.63
N ASP A 119 -11.16 3.64 10.85
CA ASP A 119 -11.52 2.40 10.15
C ASP A 119 -10.50 2.05 9.07
N LEU A 120 -10.00 3.06 8.37
CA LEU A 120 -8.92 2.88 7.41
C LEU A 120 -7.67 2.34 8.10
N LEU A 121 -7.35 2.92 9.25
CA LEU A 121 -6.12 2.58 9.95
C LEU A 121 -6.17 1.14 10.46
N LEU A 122 -7.33 0.77 11.00
CA LEU A 122 -7.53 -0.57 11.54
C LEU A 122 -7.45 -1.63 10.45
N GLN A 123 -8.10 -1.36 9.32
CA GLN A 123 -8.17 -2.34 8.24
C GLN A 123 -6.83 -2.57 7.56
N VAL A 124 -6.11 -1.51 7.21
CA VAL A 124 -4.78 -1.68 6.64
C VAL A 124 -3.85 -2.27 7.70
N GLY A 125 -4.11 -1.95 8.96
CA GLY A 125 -3.31 -2.50 10.06
C GLY A 125 -3.43 -4.02 10.12
N ARG A 126 -4.64 -4.52 9.90
CA ARG A 126 -4.90 -5.96 9.85
C ARG A 126 -4.19 -6.64 8.70
N GLY A 127 -4.11 -5.96 7.56
CA GLY A 127 -3.38 -6.45 6.42
C GLY A 127 -1.90 -6.55 6.75
N LEU A 128 -1.36 -5.49 7.34
CA LEU A 128 0.04 -5.48 7.74
C LEU A 128 0.37 -6.53 8.79
N ARG A 129 -0.55 -6.72 9.73
CA ARG A 129 -0.35 -7.71 10.78
C ARG A 129 -0.17 -9.08 10.16
N TYR A 130 -1.00 -9.39 9.16
CA TYR A 130 -0.91 -10.66 8.46
C TYR A 130 0.39 -10.78 7.68
N ILE A 131 0.74 -9.75 6.92
CA ILE A 131 1.95 -9.78 6.11
C ILE A 131 3.18 -9.97 7.00
N HIS A 132 3.23 -9.24 8.12
CA HIS A 132 4.36 -9.31 9.04
C HIS A 132 4.45 -10.68 9.71
N SER A 133 3.30 -11.33 9.91
CA SER A 133 3.26 -12.63 10.54
C SER A 133 3.84 -13.70 9.62
N MET A 134 3.88 -13.40 8.32
CA MET A 134 4.46 -14.30 7.34
C MET A 134 5.93 -13.95 7.11
N SER A 135 6.47 -13.12 8.01
CA SER A 135 7.87 -12.70 8.00
C SER A 135 8.22 -11.88 6.77
N LEU A 136 7.23 -11.16 6.24
CA LEU A 136 7.44 -10.25 5.12
C LEU A 136 7.13 -8.81 5.55
N VAL A 137 7.60 -7.86 4.75
CA VAL A 137 7.25 -6.46 4.92
C VAL A 137 6.89 -5.88 3.55
N HIS A 138 5.98 -4.91 3.53
CA HIS A 138 5.46 -4.40 2.26
C HIS A 138 6.39 -3.35 1.63
N MET A 139 6.87 -2.43 2.45
CA MET A 139 7.89 -1.44 2.07
C MET A 139 7.45 -0.42 1.02
N ASP A 140 6.17 -0.35 0.71
CA ASP A 140 5.69 0.73 -0.16
C ASP A 140 4.25 1.09 0.13
N ILE A 141 3.93 1.20 1.42
CA ILE A 141 2.61 1.64 1.84
C ILE A 141 2.44 3.12 1.52
N LYS A 142 1.37 3.44 0.83
CA LYS A 142 0.99 4.81 0.50
C LYS A 142 -0.40 4.74 -0.10
N PRO A 143 -1.12 5.88 -0.15
CA PRO A 143 -2.51 5.88 -0.65
C PRO A 143 -2.73 5.18 -2.00
N SER A 144 -1.78 5.31 -2.94
CA SER A 144 -1.97 4.74 -4.27
C SER A 144 -1.89 3.20 -4.27
N ASN A 145 -1.41 2.62 -3.17
CA ASN A 145 -1.26 1.17 -3.06
C ASN A 145 -2.28 0.54 -2.12
N ILE A 146 -3.21 1.36 -1.64
CA ILE A 146 -4.34 0.88 -0.87
C ILE A 146 -5.57 0.95 -1.74
N PHE A 147 -6.28 -0.17 -1.87
CA PHE A 147 -7.41 -0.26 -2.79
C PHE A 147 -8.71 -0.45 -2.02
N ILE A 148 -9.81 -0.05 -2.65
CA ILE A 148 -11.10 0.03 -1.98
C ILE A 148 -12.16 -0.82 -2.69
N SER A 149 -12.80 -1.70 -1.92
CA SER A 149 -13.97 -2.45 -2.38
C SER A 149 -15.19 -1.96 -1.63
N ARG A 150 -16.24 -1.65 -2.37
CA ARG A 150 -17.44 -1.03 -1.81
C ARG A 150 -18.62 -1.99 -1.90
N LYS A 170 -19.60 -0.89 4.73
CA LYS A 170 -19.75 -1.27 3.33
C LYS A 170 -18.46 -1.02 2.56
N VAL A 171 -17.34 -0.94 3.27
CA VAL A 171 -16.07 -0.56 2.67
C VAL A 171 -14.92 -1.41 3.20
N MET A 172 -14.18 -2.01 2.27
CA MET A 172 -13.00 -2.81 2.59
C MET A 172 -11.76 -2.17 1.99
N PHE A 173 -10.75 -1.94 2.82
CA PHE A 173 -9.47 -1.45 2.36
C PHE A 173 -8.52 -2.64 2.23
N LYS A 174 -7.82 -2.72 1.11
CA LYS A 174 -6.91 -3.82 0.84
C LYS A 174 -5.55 -3.32 0.37
N ILE A 175 -4.50 -3.94 0.90
CA ILE A 175 -3.12 -3.63 0.52
C ILE A 175 -2.79 -4.28 -0.82
N GLY A 176 -2.28 -3.47 -1.75
CA GLY A 176 -1.88 -3.96 -3.06
C GLY A 176 -0.46 -3.56 -3.44
N ASP A 177 -0.09 -3.86 -4.68
CA ASP A 177 1.24 -3.55 -5.22
C ASP A 177 2.37 -4.11 -4.37
N LEU A 178 2.59 -5.41 -4.49
CA LEU A 178 3.53 -6.14 -3.64
C LEU A 178 4.96 -6.16 -4.19
N GLY A 179 5.26 -5.25 -5.12
CA GLY A 179 6.53 -5.24 -5.81
C GLY A 179 7.76 -4.88 -4.97
N HIS A 180 7.54 -4.28 -3.81
CA HIS A 180 8.63 -3.93 -2.90
C HIS A 180 8.71 -4.88 -1.71
N VAL A 181 7.89 -5.91 -1.69
CA VAL A 181 7.81 -6.82 -0.56
C VAL A 181 9.12 -7.56 -0.39
N THR A 182 9.60 -7.65 0.83
CA THR A 182 10.82 -8.37 1.13
C THR A 182 10.72 -9.07 2.48
N ARG A 183 11.69 -9.92 2.75
CA ARG A 183 11.72 -10.70 3.96
C ARG A 183 12.17 -9.82 5.13
N ILE A 184 11.61 -10.07 6.31
CA ILE A 184 12.12 -9.45 7.53
C ILE A 184 13.54 -9.95 7.78
N SER A 185 13.67 -11.27 7.89
CA SER A 185 14.90 -11.92 8.37
C SER A 185 16.06 -11.81 7.38
N SER A 186 15.74 -11.89 6.08
CA SER A 186 16.73 -11.77 5.03
C SER A 186 16.48 -10.51 4.21
N PRO A 187 16.68 -9.34 4.83
CA PRO A 187 16.30 -8.05 4.24
C PRO A 187 16.98 -7.74 2.92
N GLN A 188 16.16 -7.53 1.89
CA GLN A 188 16.61 -7.12 0.56
C GLN A 188 15.74 -5.94 0.14
N VAL A 189 16.30 -4.73 0.23
CA VAL A 189 15.50 -3.51 0.25
C VAL A 189 15.62 -2.63 -0.99
N GLU A 190 14.53 -2.54 -1.74
CA GLU A 190 14.31 -1.45 -2.68
C GLU A 190 13.42 -0.43 -1.99
N GLU A 191 13.97 0.77 -1.77
CA GLU A 191 13.26 1.81 -1.01
C GLU A 191 11.95 2.21 -1.68
N GLY A 192 10.93 2.44 -0.87
CA GLY A 192 9.63 2.87 -1.35
C GLY A 192 9.63 4.35 -1.65
N ASP A 193 8.44 4.89 -1.88
CA ASP A 193 8.24 6.32 -2.10
C ASP A 193 8.89 7.15 -0.99
N SER A 194 9.68 8.15 -1.37
CA SER A 194 10.43 8.93 -0.41
C SER A 194 9.52 9.73 0.53
N ARG A 195 8.31 10.04 0.07
CA ARG A 195 7.36 10.81 0.86
C ARG A 195 6.88 10.06 2.10
N PHE A 196 6.97 8.73 2.07
CA PHE A 196 6.42 7.87 3.11
C PHE A 196 7.51 7.03 3.78
N LEU A 197 8.76 7.37 3.49
CA LEU A 197 9.89 6.55 3.87
C LEU A 197 10.47 6.96 5.23
N ALA A 198 10.64 5.99 6.13
CA ALA A 198 11.23 6.24 7.44
C ALA A 198 12.73 6.51 7.31
N ASN A 199 13.26 7.35 8.20
CA ASN A 199 14.65 7.76 8.09
C ASN A 199 15.62 6.59 8.25
N GLU A 200 15.28 5.64 9.13
CA GLU A 200 16.19 4.55 9.41
C GLU A 200 16.39 3.65 8.18
N VAL A 201 15.39 3.59 7.30
CA VAL A 201 15.54 2.82 6.07
C VAL A 201 16.46 3.56 5.12
N LEU A 202 16.30 4.88 5.08
CA LEU A 202 17.20 5.73 4.30
C LEU A 202 18.63 5.62 4.84
N GLN A 203 18.74 5.38 6.15
CA GLN A 203 20.03 5.21 6.81
C GLN A 203 20.55 3.77 6.67
N GLU A 204 19.85 2.97 5.88
CA GLU A 204 20.24 1.59 5.58
C GLU A 204 20.25 0.73 6.85
N ASN A 205 19.35 1.06 7.77
CA ASN A 205 19.07 0.25 8.96
C ASN A 205 17.83 -0.59 8.72
N TYR A 206 18.01 -1.88 8.47
CA TYR A 206 16.89 -2.75 8.13
C TYR A 206 16.59 -3.77 9.24
N THR A 207 16.89 -3.39 10.48
CA THR A 207 16.69 -4.31 11.60
C THR A 207 15.26 -4.28 12.15
N HIS A 208 14.46 -3.33 11.71
CA HIS A 208 13.06 -3.23 12.14
C HIS A 208 12.13 -2.78 11.02
N LEU A 209 12.26 -3.42 9.86
CA LEU A 209 11.49 -3.05 8.68
C LEU A 209 9.97 -3.04 8.88
N PRO A 210 9.43 -3.92 9.74
CA PRO A 210 7.98 -3.82 9.95
C PRO A 210 7.54 -2.44 10.45
N LYS A 211 8.40 -1.77 11.20
CA LYS A 211 8.08 -0.46 11.75
C LYS A 211 8.14 0.63 10.67
N ALA A 212 8.82 0.34 9.56
CA ALA A 212 8.83 1.26 8.42
C ALA A 212 7.45 1.27 7.76
N ASP A 213 6.80 0.10 7.72
CA ASP A 213 5.44 0.01 7.20
C ASP A 213 4.47 0.80 8.08
N ILE A 214 4.70 0.75 9.39
CA ILE A 214 3.85 1.46 10.34
C ILE A 214 3.98 2.98 10.14
N PHE A 215 5.20 3.44 9.98
CA PHE A 215 5.48 4.85 9.72
C PHE A 215 4.73 5.32 8.48
N ALA A 216 4.76 4.50 7.44
CA ALA A 216 4.16 4.87 6.16
C ALA A 216 2.65 4.86 6.24
N LEU A 217 2.09 3.94 7.02
CA LEU A 217 0.65 3.86 7.21
C LEU A 217 0.13 5.10 7.92
N ALA A 218 0.90 5.60 8.87
CA ALA A 218 0.51 6.80 9.60
C ALA A 218 0.41 7.97 8.65
N LEU A 219 1.42 8.15 7.80
CA LEU A 219 1.41 9.25 6.84
C LEU A 219 0.31 9.06 5.79
N THR A 220 -0.02 7.80 5.50
CA THR A 220 -1.11 7.49 4.58
C THR A 220 -2.43 8.00 5.15
N VAL A 221 -2.64 7.80 6.44
CA VAL A 221 -3.87 8.23 7.08
C VAL A 221 -3.89 9.75 7.13
N VAL A 222 -2.72 10.36 7.32
CA VAL A 222 -2.60 11.80 7.38
C VAL A 222 -3.00 12.42 6.04
N CYS A 223 -2.64 11.75 4.95
CA CYS A 223 -3.05 12.19 3.62
C CYS A 223 -4.56 12.11 3.48
N ALA A 224 -5.12 11.01 3.94
CA ALA A 224 -6.57 10.80 3.87
C ALA A 224 -7.31 11.84 4.70
N ALA A 225 -6.66 12.30 5.77
CA ALA A 225 -7.28 13.24 6.70
C ALA A 225 -7.26 14.67 6.15
N GLY A 226 -6.64 14.84 4.98
CA GLY A 226 -6.70 16.12 4.29
C GLY A 226 -5.44 16.96 4.36
N ALA A 227 -4.33 16.36 4.80
CA ALA A 227 -3.07 17.09 4.89
C ALA A 227 -2.60 17.57 3.52
N GLU A 228 -1.80 18.63 3.52
CA GLU A 228 -1.16 19.11 2.30
C GLU A 228 -0.24 18.02 1.74
N PRO A 229 0.15 18.14 0.47
CA PRO A 229 1.01 17.12 -0.15
C PRO A 229 2.32 16.95 0.62
N LEU A 230 2.76 15.70 0.80
CA LEU A 230 3.92 15.42 1.63
C LEU A 230 5.21 15.77 0.91
N PRO A 231 6.23 16.23 1.66
CA PRO A 231 7.51 16.60 1.04
C PRO A 231 8.32 15.38 0.60
N ARG A 232 9.05 15.52 -0.49
CA ARG A 232 9.90 14.45 -1.01
C ARG A 232 11.32 14.56 -0.46
N ASN A 233 11.64 15.73 0.08
CA ASN A 233 12.91 15.98 0.78
C ASN A 233 12.94 17.42 1.29
N GLY A 234 14.09 17.83 1.82
CA GLY A 234 14.24 19.18 2.34
C GLY A 234 13.83 19.29 3.79
N ASP A 235 13.65 20.52 4.26
CA ASP A 235 13.38 20.79 5.68
C ASP A 235 12.14 20.08 6.20
N GLN A 236 11.01 20.26 5.53
CA GLN A 236 9.75 19.68 5.99
C GLN A 236 9.84 18.16 6.07
N TRP A 237 10.62 17.56 5.18
CA TRP A 237 10.82 16.12 5.18
C TRP A 237 11.48 15.65 6.47
N HIS A 238 12.53 16.37 6.88
CA HIS A 238 13.26 16.01 8.09
C HIS A 238 12.42 16.31 9.33
N GLU A 239 11.64 17.39 9.27
CA GLU A 239 10.79 17.76 10.40
C GLU A 239 9.81 16.64 10.74
N ILE A 240 9.32 15.94 9.72
CA ILE A 240 8.40 14.84 9.93
C ILE A 240 9.11 13.66 10.58
N ARG A 241 10.31 13.34 10.09
CA ARG A 241 11.07 12.23 10.63
C ARG A 241 11.55 12.52 12.05
N GLN A 242 11.45 13.78 12.47
CA GLN A 242 11.73 14.14 13.86
C GLN A 242 10.53 13.82 14.74
N GLY A 243 9.43 13.38 14.12
CA GLY A 243 8.26 12.93 14.85
C GLY A 243 7.16 13.96 14.95
N ARG A 244 7.17 14.92 14.03
CA ARG A 244 6.13 15.96 13.98
C ARG A 244 5.17 15.70 12.83
N LEU A 245 3.87 15.63 13.14
CA LEU A 245 2.85 15.41 12.12
C LEU A 245 2.68 16.62 11.20
N PRO A 246 2.35 16.38 9.92
CA PRO A 246 1.90 17.49 9.09
C PRO A 246 0.61 18.10 9.63
N ARG A 247 0.29 19.32 9.21
CA ARG A 247 -0.96 19.98 9.57
C ARG A 247 -2.18 19.22 9.03
N ILE A 248 -3.12 18.88 9.91
CA ILE A 248 -4.39 18.26 9.52
C ILE A 248 -5.53 19.27 9.70
N PRO A 249 -6.26 19.59 8.61
CA PRO A 249 -7.26 20.67 8.69
C PRO A 249 -8.51 20.35 9.49
N GLN A 250 -8.74 19.08 9.82
CA GLN A 250 -9.97 18.69 10.50
C GLN A 250 -9.77 18.36 11.98
N VAL A 251 -10.89 18.24 12.68
CA VAL A 251 -10.92 18.12 14.12
C VAL A 251 -10.73 16.66 14.55
N LEU A 252 -9.49 16.32 14.86
CA LEU A 252 -9.16 14.98 15.34
C LEU A 252 -8.88 15.01 16.83
N SER A 253 -9.46 14.06 17.55
CA SER A 253 -9.22 13.90 18.98
C SER A 253 -7.73 13.92 19.28
N GLN A 254 -7.37 14.47 20.44
CA GLN A 254 -5.98 14.55 20.85
C GLN A 254 -5.40 13.14 21.00
N GLU A 255 -6.28 12.17 21.20
CA GLU A 255 -5.87 10.79 21.43
C GLU A 255 -5.56 10.06 20.13
N PHE A 256 -6.37 10.28 19.10
CA PHE A 256 -6.11 9.68 17.80
C PHE A 256 -4.83 10.28 17.22
N THR A 257 -4.68 11.58 17.39
CA THR A 257 -3.46 12.30 17.02
C THR A 257 -2.23 11.70 17.68
N GLU A 258 -2.33 11.41 18.97
CA GLU A 258 -1.19 10.89 19.72
C GLU A 258 -0.78 9.52 19.16
N LEU A 259 -1.75 8.77 18.67
CA LEU A 259 -1.45 7.47 18.07
C LEU A 259 -0.69 7.66 16.75
N LEU A 260 -1.10 8.62 15.95
CA LEU A 260 -0.44 8.85 14.67
C LEU A 260 0.97 9.39 14.90
N LYS A 261 1.14 10.17 15.97
CA LYS A 261 2.44 10.77 16.28
C LYS A 261 3.45 9.69 16.66
N VAL A 262 3.04 8.75 17.51
CA VAL A 262 3.94 7.71 17.96
C VAL A 262 4.26 6.74 16.82
N MET A 263 3.38 6.68 15.82
CA MET A 263 3.63 5.83 14.67
C MET A 263 4.75 6.39 13.79
N ILE A 264 5.03 7.68 13.89
CA ILE A 264 6.16 8.28 13.17
C ILE A 264 7.29 8.68 14.13
N HIS A 265 7.34 8.01 15.28
CA HIS A 265 8.41 8.25 16.24
C HIS A 265 9.78 8.01 15.59
N PRO A 266 10.75 8.92 15.83
CA PRO A 266 12.13 8.74 15.33
C PRO A 266 12.69 7.36 15.64
N ASP A 267 12.43 6.88 16.86
CA ASP A 267 12.83 5.55 17.30
C ASP A 267 11.81 4.52 16.83
N PRO A 268 12.19 3.64 15.87
CA PRO A 268 11.20 2.69 15.37
C PRO A 268 10.70 1.70 16.41
N GLU A 269 11.45 1.49 17.49
CA GLU A 269 11.03 0.55 18.52
C GLU A 269 9.91 1.13 19.40
N ARG A 270 9.72 2.44 19.32
CA ARG A 270 8.64 3.10 20.04
C ARG A 270 7.35 3.05 19.24
N ARG A 271 7.48 2.85 17.95
CA ARG A 271 6.30 2.67 17.09
C ARG A 271 5.63 1.35 17.44
N PRO A 272 4.29 1.33 17.45
CA PRO A 272 3.62 0.05 17.70
C PRO A 272 3.79 -0.92 16.54
N SER A 273 3.82 -2.21 16.86
CA SER A 273 3.77 -3.23 15.82
C SER A 273 2.35 -3.26 15.24
N ALA A 274 2.19 -3.96 14.11
CA ALA A 274 0.88 -4.12 13.51
C ALA A 274 -0.09 -4.77 14.50
N MET A 275 0.41 -5.72 15.29
CA MET A 275 -0.47 -6.46 16.19
C MET A 275 -0.87 -5.60 17.39
N ALA A 276 0.04 -4.73 17.83
CA ALA A 276 -0.29 -3.78 18.89
C ALA A 276 -1.27 -2.75 18.35
N LEU A 277 -1.08 -2.38 17.09
CA LEU A 277 -1.94 -1.39 16.45
C LEU A 277 -3.39 -1.86 16.37
N VAL A 278 -3.60 -3.08 15.89
CA VAL A 278 -4.97 -3.59 15.69
C VAL A 278 -5.71 -3.85 16.99
N LYS A 279 -4.98 -3.86 18.12
CA LYS A 279 -5.59 -4.06 19.43
C LYS A 279 -5.61 -2.79 20.27
N HIS A 280 -5.36 -1.67 19.63
CA HIS A 280 -5.36 -0.42 20.31
C HIS A 280 -6.75 0.04 20.59
N SER A 281 -6.91 0.67 21.74
CA SER A 281 -8.21 1.14 22.22
C SER A 281 -8.87 2.18 21.37
N VAL A 282 -8.09 3.13 20.91
CA VAL A 282 -8.65 4.17 20.11
C VAL A 282 -9.27 3.58 18.85
N LEU A 283 -8.79 2.43 18.43
CA LEU A 283 -9.29 1.80 17.23
C LEU A 283 -10.43 0.91 17.50
N LEU A 284 -10.44 0.18 18.60
CA LEU A 284 -11.57 -0.66 18.90
C LEU A 284 -12.79 0.25 18.96
N SER A 285 -13.71 0.16 18.03
CA SER A 285 -13.63 -0.70 16.86
C SER A 285 -14.34 -0.02 15.72
C10 99M B . -2.08 0.26 -10.33
C15 99M B . -2.80 1.21 -11.14
C17 99M B . -4.80 -0.22 -10.93
C20 99M B . -8.01 -1.90 -8.76
C22 99M B . -9.22 0.09 -9.54
C24 99M B . -10.69 1.73 -10.62
C28 99M B . -11.12 5.38 -12.93
O01 99M B . -4.29 -5.24 -7.90
C02 99M B . -4.60 -4.14 -8.41
N03 99M B . -3.76 -3.31 -9.07
C04 99M B . -2.37 -3.67 -9.27
C05 99M B . -2.23 -4.22 -10.61
C06 99M B . -2.90 -5.30 -11.03
N07 99M B . -4.44 -2.26 -9.53
C08 99M B . -3.99 -1.13 -10.15
N09 99M B . -2.67 -0.88 -9.81
C11 99M B . -0.63 0.43 -9.95
C12 99M B . -0.48 0.34 -8.41
O13 99M B . -0.10 1.69 -10.37
C14 99M B . 0.23 -0.66 -10.65
C16 99M B . -4.15 0.93 -11.44
C18 99M B . -5.72 -2.38 -9.10
N19 99M B . -6.78 -1.57 -9.25
N21 99M B . -9.12 -1.12 -8.90
C23 99M B . -10.50 0.49 -9.97
C25 99M B . -9.61 2.60 -10.85
N26 99M B . -9.78 3.81 -11.50
C27 99M B . -10.75 3.91 -12.57
O29 99M B . -9.94 6.20 -13.01
C30 99M B . -9.21 6.20 -11.77
C31 99M B . -8.69 4.77 -11.52
C32 99M B . -8.33 2.19 -10.42
C33 99M B . -8.13 0.96 -9.77
N34 99M B . -8.14 -3.06 -8.09
C35 99M B . -7.09 -3.92 -7.90
C36 99M B . -5.85 -3.56 -8.42
H151 99M B . -2.36 2.01 -11.50
H171 99M B . -5.74 -0.40 -11.14
H241 99M B . -11.60 1.98 -10.90
H281 99M B . -11.58 5.38 -13.79
H282 99M B . -11.71 5.74 -12.23
H042 99M B . -1.81 -2.87 -9.19
H041 99M B . -2.11 -4.34 -8.61
H051 99M B . -1.61 -3.78 -11.23
H062 99M B . -3.53 -5.75 -10.42
H061 99M B . -2.77 -5.64 -11.95
H122 99M B . 0.47 0.50 -8.17
H121 99M B . -0.74 -0.56 -8.10
H123 99M B . -1.04 1.02 -7.98
H131 99M B . -0.53 2.35 -9.93
H141 99M B . 0.07 -0.63 -11.62
H142 99M B . -0.02 -1.55 -10.31
H143 99M B . 1.18 -0.50 -10.48
H161 99M B . -4.65 1.56 -11.99
H211 99M B . -9.88 -1.43 -8.50
H231 99M B . -11.27 -0.09 -9.80
H271 99M B . -10.39 3.46 -13.37
H272 99M B . -11.57 3.44 -12.29
H301 99M B . -9.79 6.48 -11.04
H302 99M B . -8.44 6.82 -11.84
H311 99M B . -8.23 4.75 -10.64
H312 99M B . -8.05 4.53 -12.22
H321 99M B . -7.56 2.77 -10.58
H331 99M B . -7.24 0.71 -9.48
H351 99M B . -7.22 -4.77 -7.41
CL CL C . 10.16 -5.21 14.28
#